data_7B3A
#
_entry.id   7B3A
#
_cell.length_a   36.966
_cell.length_b   70.107
_cell.length_c   54.552
_cell.angle_alpha   90.000
_cell.angle_beta   106.947
_cell.angle_gamma   90.000
#
_symmetry.space_group_name_H-M   'P 1 21 1'
#
loop_
_entity.id
_entity.type
_entity.pdbx_description
1 polymer 'Putative Acyl-transferase domain protein'
2 non-polymer 'ACETYL COENZYME *A'
3 non-polymer 'CHLORIDE ION'
4 non-polymer 'ACETATE ION'
5 water water
#
_entity_poly.entity_id   1
_entity_poly.type   'polypeptide(L)'
_entity_poly.pdbx_seq_one_letter_code
;GHMASMLYLLDKSDYPKVKHLVRTKEEKSDVPLNAVINGTNVGNIYVDDPDHPKAALVDAVGTTCFLIGDASSPVFGEHL
KDCIENQLKDQCLESGGSYFIATLFDKEWEKVLENAISHREYEPDYEFYHEFDKDKFNKVKSNYRSLTNEYTIKRMDKEL
IQNDSDDTLRSCLSDFWDSIDDFLTKGVGFCVIKDEQVISSCFTCYVDGNNHEISVETYDEEEQNKGLATKACEVYLEYC
IENGITPHWSTFETNVESVNLASKLGFEYRFKLKTYEFEY
;
_entity_poly.pdbx_strand_id   A
#
# COMPACT_ATOMS: atom_id res chain seq x y z
N SER A 5 -10.10 -1.18 29.38
CA SER A 5 -8.72 -1.07 29.92
C SER A 5 -7.57 -1.16 28.88
N MET A 6 -7.85 -1.67 27.68
CA MET A 6 -6.82 -1.76 26.65
C MET A 6 -7.50 -2.01 25.32
N LEU A 7 -6.75 -1.75 24.21
CA LEU A 7 -7.26 -2.17 22.91
C LEU A 7 -6.95 -3.64 22.72
N TYR A 8 -7.85 -4.34 22.08
CA TYR A 8 -7.74 -5.80 21.96
C TYR A 8 -7.38 -6.22 20.54
N LEU A 9 -6.30 -6.99 20.40
CA LEU A 9 -6.04 -7.65 19.12
C LEU A 9 -7.17 -8.62 18.82
N LEU A 10 -7.69 -8.53 17.59
CA LEU A 10 -8.80 -9.34 17.08
C LEU A 10 -8.26 -10.54 16.28
N ASP A 11 -8.84 -11.72 16.50
N ASP A 11 -8.83 -11.72 16.49
CA ASP A 11 -8.45 -12.82 15.64
CA ASP A 11 -8.38 -12.82 15.64
C ASP A 11 -9.06 -12.69 14.25
C ASP A 11 -9.06 -12.75 14.27
N LYS A 12 -8.36 -13.24 13.25
CA LYS A 12 -8.85 -13.15 11.86
C LYS A 12 -10.26 -13.68 11.74
N SER A 13 -10.59 -14.72 12.49
N SER A 13 -10.62 -14.68 12.55
CA SER A 13 -11.93 -15.32 12.37
CA SER A 13 -12.00 -15.16 12.57
C SER A 13 -13.04 -14.35 12.75
C SER A 13 -12.96 -14.02 12.87
N ASP A 14 -12.71 -13.26 13.47
N ASP A 14 -12.57 -13.09 13.72
CA ASP A 14 -13.70 -12.27 13.87
CA ASP A 14 -13.44 -12.03 14.19
C ASP A 14 -13.63 -10.96 13.07
C ASP A 14 -13.40 -10.79 13.28
N TYR A 15 -12.76 -10.88 12.10
CA TYR A 15 -12.63 -9.67 11.28
C TYR A 15 -13.98 -9.25 10.69
N PRO A 16 -14.86 -10.18 10.35
CA PRO A 16 -16.16 -9.76 9.82
C PRO A 16 -16.91 -8.83 10.76
N LYS A 17 -16.64 -8.90 12.06
CA LYS A 17 -17.28 -7.99 13.00
C LYS A 17 -16.86 -6.53 12.83
N VAL A 18 -15.80 -6.27 12.05
N VAL A 18 -15.79 -6.20 12.09
CA VAL A 18 -15.32 -4.92 11.78
CA VAL A 18 -15.50 -4.79 11.88
C VAL A 18 -15.95 -4.33 10.53
C VAL A 18 -16.00 -4.29 10.52
N LYS A 19 -16.54 -5.16 9.66
CA LYS A 19 -16.96 -4.68 8.34
C LYS A 19 -18.00 -3.60 8.44
N HIS A 20 -18.87 -3.66 9.46
CA HIS A 20 -19.93 -2.67 9.52
C HIS A 20 -19.40 -1.26 9.81
N LEU A 21 -18.12 -1.13 10.22
CA LEU A 21 -17.51 0.18 10.45
C LEU A 21 -17.01 0.81 9.16
N VAL A 22 -17.08 0.08 8.06
CA VAL A 22 -16.62 0.57 6.75
C VAL A 22 -17.88 1.08 6.05
N ARG A 23 -18.10 2.37 6.15
CA ARG A 23 -19.41 2.93 5.83
C ARG A 23 -19.40 3.98 4.73
N THR A 24 -18.46 4.91 4.73
CA THR A 24 -18.53 5.97 3.74
C THR A 24 -17.98 5.50 2.42
N LYS A 25 -18.21 6.31 1.39
N LYS A 25 -18.22 6.29 1.37
CA LYS A 25 -17.72 5.95 0.06
CA LYS A 25 -17.70 5.88 0.07
C LYS A 25 -16.20 5.86 0.07
C LYS A 25 -16.17 5.83 0.10
N GLU A 26 -15.53 6.76 0.79
CA GLU A 26 -14.05 6.74 0.88
C GLU A 26 -13.54 5.51 1.61
N GLU A 27 -14.19 5.14 2.70
CA GLU A 27 -13.84 3.91 3.40
C GLU A 27 -14.04 2.69 2.50
N LYS A 28 -15.16 2.61 1.83
CA LYS A 28 -15.50 1.44 1.04
C LYS A 28 -14.59 1.30 -0.15
N SER A 29 -14.04 2.39 -0.65
CA SER A 29 -13.16 2.30 -1.82
C SER A 29 -11.70 2.16 -1.45
N ASP A 30 -11.40 2.04 -0.18
CA ASP A 30 -10.00 2.04 0.25
C ASP A 30 -9.51 0.59 0.25
N VAL A 31 -8.70 0.25 -0.75
CA VAL A 31 -8.36 -1.15 -0.96
C VAL A 31 -7.58 -1.74 0.20
N PRO A 32 -6.53 -1.09 0.73
CA PRO A 32 -5.74 -1.73 1.81
C PRO A 32 -6.59 -1.98 3.06
N LEU A 33 -7.46 -1.03 3.42
CA LEU A 33 -8.35 -1.19 4.57
C LEU A 33 -9.22 -2.43 4.42
N ASN A 34 -9.88 -2.57 3.27
CA ASN A 34 -10.77 -3.69 3.07
C ASN A 34 -10.03 -5.01 2.87
N ALA A 35 -8.83 -4.96 2.25
CA ALA A 35 -8.06 -6.17 2.03
C ALA A 35 -7.62 -6.80 3.33
N VAL A 36 -7.22 -5.96 4.29
CA VAL A 36 -6.85 -6.46 5.61
C VAL A 36 -8.08 -7.02 6.35
N ILE A 37 -9.21 -6.28 6.33
CA ILE A 37 -10.43 -6.76 6.98
C ILE A 37 -10.90 -8.08 6.38
N ASN A 38 -10.72 -8.28 5.06
CA ASN A 38 -11.12 -9.50 4.39
C ASN A 38 -10.20 -10.68 4.68
N GLY A 39 -9.07 -10.43 5.31
CA GLY A 39 -8.06 -11.42 5.57
C GLY A 39 -7.11 -11.71 4.42
N THR A 40 -7.20 -10.96 3.35
CA THR A 40 -6.46 -11.26 2.13
C THR A 40 -5.00 -10.83 2.18
N ASN A 41 -4.68 -9.77 2.90
CA ASN A 41 -3.35 -9.21 2.97
C ASN A 41 -2.94 -9.03 4.42
N VAL A 42 -1.62 -8.90 4.62
CA VAL A 42 -1.03 -8.90 5.94
C VAL A 42 -1.46 -7.67 6.74
N GLY A 43 -1.94 -7.89 7.93
CA GLY A 43 -2.28 -6.77 8.80
C GLY A 43 -2.79 -7.27 10.14
N ASN A 44 -2.99 -6.31 11.04
CA ASN A 44 -3.47 -6.58 12.39
C ASN A 44 -4.63 -5.64 12.69
N ILE A 45 -5.59 -6.09 13.48
CA ILE A 45 -6.74 -5.27 13.84
C ILE A 45 -6.88 -5.22 15.35
N TYR A 46 -7.07 -4.02 15.87
CA TYR A 46 -7.28 -3.76 17.31
C TYR A 46 -8.59 -3.05 17.53
N VAL A 47 -9.36 -3.47 18.53
CA VAL A 47 -10.72 -3.01 18.72
C VAL A 47 -10.99 -2.64 20.18
N ASP A 48 -12.08 -1.89 20.37
CA ASP A 48 -12.56 -1.55 21.71
C ASP A 48 -13.20 -2.74 22.41
N ASP A 49 -13.87 -3.60 21.69
CA ASP A 49 -14.67 -4.68 22.22
C ASP A 49 -14.68 -5.81 21.19
N PRO A 50 -14.08 -6.95 21.49
CA PRO A 50 -14.00 -7.98 20.46
C PRO A 50 -15.31 -8.64 20.16
N ASP A 51 -16.32 -8.50 21.04
CA ASP A 51 -17.60 -9.11 20.71
C ASP A 51 -18.42 -8.25 19.77
N HIS A 52 -18.32 -6.92 19.93
CA HIS A 52 -19.15 -5.97 19.18
C HIS A 52 -18.35 -4.69 18.97
N PRO A 53 -17.42 -4.70 18.03
CA PRO A 53 -16.53 -3.54 17.87
C PRO A 53 -17.30 -2.31 17.48
N LYS A 54 -16.95 -1.17 18.10
CA LYS A 54 -17.48 0.13 17.71
C LYS A 54 -16.40 1.04 17.15
N ALA A 55 -15.14 0.65 17.31
CA ALA A 55 -14.03 1.45 16.82
C ALA A 55 -12.88 0.47 16.63
N ALA A 56 -12.09 0.72 15.62
CA ALA A 56 -11.01 -0.18 15.26
C ALA A 56 -9.81 0.57 14.71
N LEU A 57 -8.65 0.04 15.03
CA LEU A 57 -7.38 0.37 14.40
C LEU A 57 -7.05 -0.78 13.47
N VAL A 58 -7.09 -0.52 12.18
CA VAL A 58 -6.77 -1.52 11.18
C VAL A 58 -5.39 -1.21 10.64
N ASP A 59 -4.44 -2.08 10.96
CA ASP A 59 -3.05 -1.87 10.59
C ASP A 59 -2.70 -2.64 9.32
N ALA A 60 -2.61 -1.94 8.19
CA ALA A 60 -2.15 -2.53 6.92
C ALA A 60 -0.66 -2.33 6.95
N VAL A 61 0.03 -3.32 7.52
CA VAL A 61 1.37 -3.07 8.05
C VAL A 61 2.33 -2.60 6.97
N GLY A 62 2.11 -2.99 5.71
CA GLY A 62 2.92 -2.52 4.59
C GLY A 62 2.77 -1.06 4.19
N THR A 63 1.79 -0.33 4.74
N THR A 63 1.74 -0.34 4.68
CA THR A 63 1.50 1.00 4.25
CA THR A 63 1.44 0.99 4.19
C THR A 63 1.10 1.92 5.40
C THR A 63 1.01 1.95 5.29
N THR A 64 0.03 1.60 6.14
CA THR A 64 -0.52 2.57 7.06
C THR A 64 -1.48 1.86 7.98
N CYS A 65 -1.69 2.44 9.17
CA CYS A 65 -2.90 2.07 9.88
C CYS A 65 -4.03 3.08 9.57
N PHE A 66 -5.22 2.65 9.88
CA PHE A 66 -6.45 3.41 9.74
C PHE A 66 -7.15 3.37 11.09
N LEU A 67 -7.77 4.47 11.49
CA LEU A 67 -8.72 4.45 12.59
C LEU A 67 -10.12 4.62 11.99
N ILE A 68 -11.02 3.70 12.33
CA ILE A 68 -12.38 3.72 11.82
C ILE A 68 -13.35 3.56 12.97
N GLY A 69 -14.60 3.98 12.72
CA GLY A 69 -15.61 3.82 13.76
C GLY A 69 -15.67 5.03 14.63
N ASP A 70 -16.04 4.83 15.90
CA ASP A 70 -16.47 5.94 16.75
C ASP A 70 -15.24 6.57 17.42
N ALA A 71 -14.89 7.79 16.97
CA ALA A 71 -13.74 8.51 17.49
C ALA A 71 -13.91 8.95 18.95
N SER A 72 -15.12 8.85 19.46
CA SER A 72 -15.40 9.16 20.85
C SER A 72 -15.19 7.95 21.76
N SER A 73 -14.69 6.85 21.25
CA SER A 73 -14.49 5.65 22.06
C SER A 73 -13.62 5.94 23.25
N PRO A 74 -14.10 5.75 24.48
CA PRO A 74 -13.26 6.07 25.64
C PRO A 74 -12.00 5.29 25.70
N VAL A 75 -12.02 4.01 25.32
CA VAL A 75 -10.79 3.24 25.41
C VAL A 75 -9.75 3.74 24.41
N PHE A 76 -10.17 4.21 23.22
CA PHE A 76 -9.19 4.82 22.32
C PHE A 76 -8.61 6.12 22.91
N GLY A 77 -9.40 6.83 23.69
CA GLY A 77 -8.90 8.08 24.25
C GLY A 77 -7.82 7.87 25.29
N GLU A 78 -7.85 6.74 25.95
CA GLU A 78 -6.92 6.51 27.04
C GLU A 78 -5.81 5.53 26.72
N HIS A 79 -6.01 4.64 25.74
CA HIS A 79 -5.06 3.56 25.56
C HIS A 79 -4.58 3.42 24.11
N LEU A 80 -4.89 4.38 23.25
CA LEU A 80 -4.36 4.32 21.90
C LEU A 80 -2.84 4.46 21.93
N LYS A 81 -2.33 5.36 22.80
CA LYS A 81 -0.88 5.54 22.92
C LYS A 81 -0.21 4.24 23.35
N ASP A 82 -0.80 3.55 24.33
CA ASP A 82 -0.26 2.30 24.84
C ASP A 82 -0.17 1.25 23.75
N CYS A 83 -1.18 1.22 22.87
CA CYS A 83 -1.18 0.25 21.78
C CYS A 83 -0.09 0.60 20.78
N ILE A 84 0.02 1.88 20.42
CA ILE A 84 1.05 2.28 19.47
C ILE A 84 2.45 1.95 20.01
N GLU A 85 2.73 2.36 21.27
CA GLU A 85 4.13 2.39 21.74
C GLU A 85 4.65 1.04 22.23
N ASN A 86 3.78 0.04 22.35
CA ASN A 86 4.17 -1.32 22.70
C ASN A 86 3.73 -2.34 21.66
N GLN A 87 2.44 -2.64 21.52
N GLN A 87 2.42 -2.62 21.57
CA GLN A 87 2.04 -3.72 20.62
CA GLN A 87 1.84 -3.61 20.66
C GLN A 87 2.37 -3.38 19.17
C GLN A 87 2.28 -3.38 19.23
N LEU A 88 2.02 -2.18 18.69
CA LEU A 88 2.37 -1.90 17.31
C LEU A 88 3.87 -1.83 17.12
N LYS A 89 4.52 -1.05 18.00
CA LYS A 89 5.98 -0.82 17.93
C LYS A 89 6.74 -2.13 17.89
N ASP A 90 6.47 -3.03 18.82
CA ASP A 90 7.35 -4.21 18.93
C ASP A 90 7.22 -5.09 17.71
N GLN A 91 6.00 -5.31 17.21
N GLN A 91 6.02 -5.25 17.18
CA GLN A 91 5.86 -6.09 15.98
CA GLN A 91 5.88 -6.08 16.00
C GLN A 91 6.57 -5.41 14.82
C GLN A 91 6.43 -5.42 14.75
N CYS A 92 6.44 -4.08 14.70
CA CYS A 92 7.03 -3.40 13.58
C CYS A 92 8.54 -3.56 13.61
N LEU A 93 9.15 -3.26 14.75
CA LEU A 93 10.60 -3.27 14.80
C LEU A 93 11.14 -4.68 14.68
N GLU A 94 10.42 -5.66 15.25
CA GLU A 94 10.93 -7.02 15.19
C GLU A 94 10.90 -7.51 13.75
N SER A 95 9.99 -6.98 12.95
CA SER A 95 9.81 -7.42 11.57
C SER A 95 10.61 -6.58 10.59
N GLY A 96 11.47 -5.69 11.09
CA GLY A 96 12.39 -4.98 10.23
C GLY A 96 11.92 -3.60 9.88
N GLY A 97 10.71 -3.22 10.35
CA GLY A 97 10.19 -1.89 10.18
C GLY A 97 10.81 -0.81 11.10
N SER A 98 10.42 0.42 10.78
N SER A 98 10.47 0.44 10.78
CA SER A 98 10.99 1.58 11.46
CA SER A 98 10.94 1.57 11.57
C SER A 98 10.03 2.76 11.57
C SER A 98 9.87 2.60 11.86
N TYR A 99 8.79 2.67 11.09
CA TYR A 99 7.90 3.82 11.12
C TYR A 99 6.48 3.45 11.50
N PHE A 100 5.82 4.45 12.09
CA PHE A 100 4.37 4.45 12.29
C PHE A 100 3.75 5.43 11.29
N ILE A 101 2.72 4.99 10.58
CA ILE A 101 1.96 5.82 9.66
C ILE A 101 0.50 5.60 9.95
N ALA A 102 -0.26 6.67 10.08
CA ALA A 102 -1.71 6.62 10.20
C ALA A 102 -2.41 7.47 9.13
N THR A 103 -3.55 7.00 8.66
CA THR A 103 -4.35 7.66 7.65
C THR A 103 -5.79 7.72 8.16
N LEU A 104 -6.37 8.90 8.13
CA LEU A 104 -7.68 9.12 8.72
C LEU A 104 -8.72 9.50 7.71
N PHE A 105 -9.94 8.99 7.94
CA PHE A 105 -11.08 9.39 7.11
C PHE A 105 -11.88 10.54 7.70
N ASP A 106 -11.80 10.71 9.01
CA ASP A 106 -12.79 11.47 9.82
C ASP A 106 -12.00 12.46 10.68
N LYS A 107 -12.35 13.75 10.56
CA LYS A 107 -11.68 14.78 11.35
C LYS A 107 -11.73 14.50 12.85
N GLU A 108 -12.76 13.83 13.32
N GLU A 108 -12.79 13.85 13.33
CA GLU A 108 -12.92 13.59 14.76
CA GLU A 108 -12.95 13.56 14.76
C GLU A 108 -11.81 12.71 15.32
C GLU A 108 -11.78 12.74 15.31
N TRP A 109 -11.22 11.83 14.50
CA TRP A 109 -10.12 11.04 14.99
C TRP A 109 -8.82 11.82 15.16
N GLU A 110 -8.67 13.02 14.56
CA GLU A 110 -7.38 13.71 14.57
C GLU A 110 -6.95 14.07 15.98
N LYS A 111 -7.83 14.72 16.76
CA LYS A 111 -7.39 15.08 18.10
C LYS A 111 -7.11 13.85 18.93
N VAL A 112 -7.82 12.75 18.69
CA VAL A 112 -7.59 11.50 19.44
C VAL A 112 -6.20 10.96 19.13
N LEU A 113 -5.84 10.92 17.85
CA LEU A 113 -4.52 10.42 17.47
C LEU A 113 -3.43 11.39 17.93
N GLU A 114 -3.68 12.70 17.80
CA GLU A 114 -2.67 13.67 18.19
C GLU A 114 -2.33 13.57 19.68
N ASN A 115 -3.32 13.42 20.56
N ASN A 115 -3.35 13.37 20.52
CA ASN A 115 -2.94 13.23 21.96
CA ASN A 115 -3.21 13.14 21.96
C ASN A 115 -2.10 11.95 22.11
C ASN A 115 -2.44 11.86 22.27
N ALA A 116 -2.43 10.90 21.35
CA ALA A 116 -1.70 9.65 21.51
C ALA A 116 -0.24 9.73 21.02
N ILE A 117 0.07 10.59 20.05
CA ILE A 117 1.40 10.60 19.43
C ILE A 117 2.14 11.91 19.68
N SER A 118 1.76 12.64 20.74
CA SER A 118 2.15 14.04 20.91
C SER A 118 3.66 14.24 21.08
N HIS A 119 4.32 13.35 21.79
CA HIS A 119 5.76 13.47 22.03
C HIS A 119 6.59 13.03 20.85
N ARG A 120 5.97 12.41 19.87
CA ARG A 120 6.70 11.98 18.71
C ARG A 120 6.88 13.20 17.82
N GLU A 121 8.06 13.32 17.21
N GLU A 121 8.04 13.29 17.18
CA GLU A 121 8.27 14.32 16.16
CA GLU A 121 8.25 14.35 16.19
C GLU A 121 7.60 13.77 14.91
C GLU A 121 7.62 13.85 14.89
N TYR A 122 6.29 13.98 14.82
CA TYR A 122 5.55 13.44 13.67
C TYR A 122 5.43 14.45 12.53
N GLU A 123 5.29 13.92 11.32
N GLU A 123 5.28 13.92 11.33
CA GLU A 123 5.16 14.70 10.10
CA GLU A 123 5.18 14.74 10.14
C GLU A 123 3.73 14.57 9.63
C GLU A 123 3.76 14.59 9.58
N PRO A 124 2.96 15.65 9.52
CA PRO A 124 1.64 15.57 8.89
C PRO A 124 1.80 15.61 7.37
N ASP A 125 0.87 14.95 6.69
CA ASP A 125 0.85 14.94 5.23
C ASP A 125 -0.58 14.64 4.82
N TYR A 126 -0.76 14.36 3.55
CA TYR A 126 -2.02 13.85 3.01
C TYR A 126 -1.70 12.75 2.05
N GLU A 127 -2.62 11.78 1.97
CA GLU A 127 -2.58 10.71 0.98
C GLU A 127 -3.58 11.02 -0.11
N PHE A 128 -3.10 11.09 -1.34
CA PHE A 128 -3.96 11.30 -2.50
C PHE A 128 -4.57 10.00 -2.98
N TYR A 129 -5.89 10.00 -3.22
CA TYR A 129 -6.64 8.91 -3.83
C TYR A 129 -7.13 9.34 -5.20
N HIS A 130 -7.19 8.37 -6.09
CA HIS A 130 -7.45 8.57 -7.50
C HIS A 130 -8.53 7.62 -8.00
N GLU A 131 -8.92 7.82 -9.26
N GLU A 131 -8.86 7.80 -9.28
CA GLU A 131 -9.67 6.84 -10.02
CA GLU A 131 -9.70 6.91 -10.06
C GLU A 131 -8.95 6.67 -11.36
C GLU A 131 -8.99 6.68 -11.39
N PHE A 132 -8.72 5.43 -11.73
CA PHE A 132 -8.08 5.15 -13.01
C PHE A 132 -9.04 5.41 -14.18
N ASP A 133 -8.56 6.13 -15.19
CA ASP A 133 -9.31 6.42 -16.40
C ASP A 133 -8.65 5.61 -17.53
N LYS A 134 -9.27 4.47 -17.83
CA LYS A 134 -8.74 3.52 -18.80
C LYS A 134 -8.66 4.16 -20.19
N ASP A 135 -9.64 4.96 -20.54
CA ASP A 135 -9.62 5.55 -21.86
C ASP A 135 -8.49 6.58 -21.99
N LYS A 136 -8.24 7.33 -20.93
N LYS A 136 -8.25 7.35 -20.93
CA LYS A 136 -7.13 8.27 -20.96
CA LYS A 136 -7.12 8.26 -20.97
C LYS A 136 -5.80 7.54 -21.05
C LYS A 136 -5.83 7.48 -21.11
N PHE A 137 -5.62 6.49 -20.25
CA PHE A 137 -4.40 5.69 -20.33
C PHE A 137 -4.20 5.15 -21.74
N ASN A 138 -5.26 4.63 -22.34
CA ASN A 138 -5.12 4.02 -23.66
C ASN A 138 -4.77 5.08 -24.72
N LYS A 139 -5.20 6.33 -24.52
CA LYS A 139 -4.88 7.43 -25.43
C LYS A 139 -3.43 7.86 -25.25
N VAL A 140 -2.98 8.08 -24.00
CA VAL A 140 -1.70 8.74 -23.76
C VAL A 140 -0.49 7.80 -23.76
N LYS A 141 -0.71 6.49 -23.62
CA LYS A 141 0.44 5.61 -23.49
C LYS A 141 1.27 5.55 -24.75
N SER A 142 0.71 5.92 -25.92
CA SER A 142 1.51 5.96 -27.14
C SER A 142 2.70 6.92 -27.04
N ASN A 143 2.65 7.89 -26.14
CA ASN A 143 3.74 8.85 -25.99
C ASN A 143 4.82 8.36 -25.03
N TYR A 144 4.59 7.26 -24.31
CA TYR A 144 5.59 6.80 -23.36
C TYR A 144 6.85 6.42 -24.12
N ARG A 145 8.00 6.65 -23.49
CA ARG A 145 9.31 6.26 -24.06
C ARG A 145 9.45 4.76 -24.15
N SER A 146 9.88 4.30 -25.33
N SER A 146 9.83 4.29 -25.33
CA SER A 146 10.17 2.89 -25.52
CA SER A 146 10.12 2.88 -25.47
C SER A 146 11.42 2.44 -24.78
C SER A 146 11.30 2.49 -24.57
N LEU A 147 11.44 1.18 -24.37
CA LEU A 147 12.62 0.66 -23.66
C LEU A 147 13.74 0.51 -24.67
N THR A 148 14.98 0.88 -24.30
N THR A 148 14.94 0.88 -24.25
CA THR A 148 16.13 0.50 -25.14
CA THR A 148 16.17 0.68 -24.98
C THR A 148 16.52 -0.96 -24.95
C THR A 148 16.68 -0.76 -24.78
N ASN A 149 17.55 -1.40 -25.67
N ASN A 149 17.62 -1.18 -25.63
CA ASN A 149 17.83 -2.84 -25.74
CA ASN A 149 17.93 -2.59 -25.81
C ASN A 149 18.29 -3.44 -24.42
C ASN A 149 18.43 -3.29 -24.54
N GLU A 150 19.00 -2.71 -23.55
N GLU A 150 18.88 -2.55 -23.54
CA GLU A 150 19.45 -3.34 -22.29
CA GLU A 150 19.40 -3.18 -22.31
C GLU A 150 18.28 -3.68 -21.34
C GLU A 150 18.30 -3.60 -21.35
N TYR A 151 17.07 -3.14 -21.57
CA TYR A 151 15.97 -3.26 -20.62
C TYR A 151 14.88 -4.15 -21.17
N THR A 152 14.38 -5.08 -20.37
CA THR A 152 13.28 -5.90 -20.83
C THR A 152 12.23 -5.97 -19.72
N ILE A 153 11.05 -6.51 -20.09
CA ILE A 153 9.89 -6.65 -19.22
C ILE A 153 9.71 -8.11 -18.95
N LYS A 154 9.50 -8.44 -17.68
N LYS A 154 9.45 -8.44 -17.68
CA LYS A 154 9.18 -9.80 -17.25
CA LYS A 154 9.19 -9.81 -17.25
C LYS A 154 8.07 -9.83 -16.21
C LYS A 154 8.06 -9.81 -16.23
N ARG A 155 7.14 -10.76 -16.37
CA ARG A 155 6.15 -10.96 -15.34
C ARG A 155 6.77 -11.62 -14.12
N MET A 156 6.33 -11.20 -12.95
N MET A 156 6.36 -11.17 -12.94
CA MET A 156 6.75 -11.85 -11.73
CA MET A 156 6.84 -11.79 -11.69
C MET A 156 6.29 -13.30 -11.69
C MET A 156 6.32 -13.22 -11.51
N ASP A 157 7.25 -14.15 -11.42
CA ASP A 157 7.00 -15.58 -11.15
C ASP A 157 7.88 -15.99 -9.98
N LYS A 158 7.75 -17.24 -9.55
CA LYS A 158 8.44 -17.63 -8.34
C LYS A 158 9.94 -17.60 -8.57
N GLU A 159 10.38 -18.02 -9.76
CA GLU A 159 11.80 -17.97 -10.09
C GLU A 159 12.35 -16.55 -9.94
N LEU A 160 11.63 -15.56 -10.47
N LEU A 160 11.66 -15.57 -10.49
CA LEU A 160 12.10 -14.18 -10.45
CA LEU A 160 12.19 -14.22 -10.40
C LEU A 160 12.16 -13.62 -9.04
C LEU A 160 12.30 -13.81 -8.94
N ILE A 161 11.23 -14.04 -8.19
CA ILE A 161 11.20 -13.56 -6.82
C ILE A 161 12.24 -14.27 -5.97
N GLN A 162 12.44 -15.57 -6.20
CA GLN A 162 13.39 -16.31 -5.39
C GLN A 162 14.83 -16.19 -5.84
N ASN A 163 15.08 -15.69 -7.04
CA ASN A 163 16.44 -15.62 -7.58
C ASN A 163 16.98 -14.21 -7.72
N ASP A 164 16.20 -13.19 -7.34
N ASP A 164 16.19 -13.21 -7.36
CA ASP A 164 16.65 -11.80 -7.25
CA ASP A 164 16.73 -11.87 -7.25
C ASP A 164 17.86 -11.78 -6.30
C ASP A 164 17.91 -11.91 -6.30
N SER A 165 19.08 -11.59 -6.83
CA SER A 165 20.29 -11.62 -6.01
C SER A 165 20.11 -10.71 -4.81
N ASP A 166 19.40 -9.60 -4.99
CA ASP A 166 18.86 -8.86 -3.88
C ASP A 166 17.50 -9.47 -3.54
N ASP A 167 17.28 -9.77 -2.26
CA ASP A 167 15.97 -10.22 -1.81
C ASP A 167 15.04 -9.01 -1.74
N THR A 168 15.40 -7.95 -2.46
CA THR A 168 14.56 -6.76 -2.50
C THR A 168 13.08 -7.05 -2.75
N LEU A 169 12.77 -7.81 -3.80
CA LEU A 169 11.37 -7.98 -4.15
C LEU A 169 10.66 -8.80 -3.10
N ARG A 170 11.31 -9.91 -2.71
N ARG A 170 11.30 -9.90 -2.69
CA ARG A 170 10.76 -10.83 -1.72
CA ARG A 170 10.71 -10.82 -1.73
C ARG A 170 10.45 -10.10 -0.44
C ARG A 170 10.46 -10.11 -0.41
N SER A 171 11.39 -9.26 0.00
N SER A 171 11.38 -9.26 0.02
CA SER A 171 11.20 -8.47 1.20
CA SER A 171 11.18 -8.48 1.24
C SER A 171 10.00 -7.53 1.06
C SER A 171 10.02 -7.51 1.08
N CYS A 172 9.90 -6.82 -0.06
CA CYS A 172 8.77 -5.92 -0.26
C CYS A 172 7.47 -6.72 -0.26
N LEU A 173 7.44 -7.85 -0.98
CA LEU A 173 6.22 -8.64 -1.06
C LEU A 173 5.78 -9.12 0.29
N SER A 174 6.75 -9.44 1.17
CA SER A 174 6.43 -9.95 2.49
C SER A 174 5.73 -8.93 3.38
N ASP A 175 5.82 -7.63 3.06
CA ASP A 175 5.08 -6.59 3.77
C ASP A 175 3.59 -6.69 3.52
N PHE A 176 3.19 -7.40 2.48
CA PHE A 176 1.82 -7.34 1.95
C PHE A 176 1.14 -8.68 1.88
N TRP A 177 1.92 -9.73 1.63
CA TRP A 177 1.44 -11.06 1.31
C TRP A 177 2.01 -12.07 2.27
N ASP A 178 1.14 -12.98 2.75
CA ASP A 178 1.59 -14.01 3.68
C ASP A 178 2.48 -15.05 3.01
N SER A 179 2.43 -15.16 1.69
CA SER A 179 3.26 -16.10 0.95
C SER A 179 3.38 -15.64 -0.49
N ILE A 180 4.44 -16.15 -1.13
CA ILE A 180 4.61 -15.89 -2.55
C ILE A 180 3.49 -16.55 -3.34
N ASP A 181 3.08 -17.76 -2.95
CA ASP A 181 1.96 -18.40 -3.62
C ASP A 181 0.71 -17.54 -3.56
N ASP A 182 0.40 -16.92 -2.41
CA ASP A 182 -0.81 -16.11 -2.35
C ASP A 182 -0.68 -14.92 -3.29
N PHE A 183 0.49 -14.29 -3.32
CA PHE A 183 0.71 -13.18 -4.26
C PHE A 183 0.51 -13.65 -5.70
N LEU A 184 1.10 -14.78 -6.05
CA LEU A 184 1.01 -15.21 -7.44
C LEU A 184 -0.37 -15.66 -7.89
N THR A 185 -1.17 -16.22 -6.99
N THR A 185 -1.13 -16.24 -6.98
CA THR A 185 -2.51 -16.65 -7.37
CA THR A 185 -2.49 -16.65 -7.27
C THR A 185 -3.58 -15.56 -7.23
C THR A 185 -3.43 -15.44 -7.37
N LYS A 186 -3.37 -14.53 -6.39
CA LYS A 186 -4.37 -13.46 -6.23
C LYS A 186 -3.94 -12.13 -6.79
N GLY A 187 -2.63 -11.88 -6.91
CA GLY A 187 -2.11 -10.64 -7.42
C GLY A 187 -1.41 -10.84 -8.74
N VAL A 188 -0.68 -9.82 -9.16
CA VAL A 188 0.08 -9.88 -10.40
C VAL A 188 1.20 -8.82 -10.26
N GLY A 189 2.29 -8.98 -11.01
CA GLY A 189 3.28 -7.93 -11.06
C GLY A 189 4.20 -8.11 -12.24
N PHE A 190 4.86 -7.01 -12.60
CA PHE A 190 5.78 -6.96 -13.74
C PHE A 190 7.01 -6.14 -13.35
N CYS A 191 8.16 -6.52 -13.91
CA CYS A 191 9.43 -5.86 -13.65
C CYS A 191 10.14 -5.48 -14.92
N VAL A 192 10.92 -4.39 -14.82
CA VAL A 192 11.97 -4.07 -15.76
C VAL A 192 13.26 -4.73 -15.25
N ILE A 193 13.94 -5.43 -16.15
CA ILE A 193 15.17 -6.19 -15.92
C ILE A 193 16.34 -5.55 -16.70
N LYS A 194 17.51 -5.42 -16.06
CA LYS A 194 18.74 -5.00 -16.75
C LYS A 194 19.89 -5.83 -16.16
N ASP A 195 20.74 -6.42 -17.01
CA ASP A 195 21.86 -7.24 -16.53
C ASP A 195 21.35 -8.30 -15.57
N GLU A 196 20.17 -8.85 -15.86
N GLU A 196 20.15 -8.81 -15.87
CA GLU A 196 19.58 -9.96 -15.12
CA GLU A 196 19.41 -9.86 -15.16
C GLU A 196 19.16 -9.56 -13.71
C GLU A 196 18.86 -9.41 -13.82
N GLN A 197 19.03 -8.26 -13.47
N GLN A 197 19.11 -8.17 -13.41
CA GLN A 197 18.63 -7.72 -12.18
CA GLN A 197 18.68 -7.66 -12.12
C GLN A 197 17.28 -7.04 -12.33
C GLN A 197 17.37 -6.90 -12.25
N VAL A 198 16.53 -7.05 -11.24
CA VAL A 198 15.29 -6.27 -11.20
C VAL A 198 15.62 -4.79 -10.91
N ILE A 199 15.23 -3.91 -11.83
CA ILE A 199 15.49 -2.49 -11.76
C ILE A 199 14.26 -1.75 -11.31
N SER A 200 13.08 -2.14 -11.83
N SER A 200 13.08 -2.23 -11.73
CA SER A 200 11.79 -1.53 -11.48
CA SER A 200 11.82 -1.56 -11.41
C SER A 200 10.72 -2.62 -11.32
C SER A 200 10.69 -2.57 -11.39
N SER A 201 9.70 -2.33 -10.51
CA SER A 201 8.56 -3.23 -10.41
C SER A 201 7.27 -2.44 -10.26
N CYS A 202 6.20 -3.07 -10.70
CA CYS A 202 4.83 -2.61 -10.46
C CYS A 202 4.06 -3.87 -10.12
N PHE A 203 3.47 -3.92 -8.92
CA PHE A 203 2.77 -5.15 -8.52
C PHE A 203 1.59 -4.82 -7.63
N THR A 204 0.70 -5.80 -7.49
CA THR A 204 -0.44 -5.71 -6.60
C THR A 204 0.02 -5.92 -5.16
N CYS A 205 -0.20 -4.90 -4.32
CA CYS A 205 0.09 -5.02 -2.90
C CYS A 205 -1.13 -5.29 -2.02
N TYR A 206 -2.33 -5.00 -2.50
CA TYR A 206 -3.55 -5.38 -1.80
C TYR A 206 -4.61 -5.72 -2.84
N VAL A 207 -5.50 -6.66 -2.47
CA VAL A 207 -6.65 -7.02 -3.29
C VAL A 207 -7.93 -6.94 -2.45
N ASP A 208 -8.93 -6.30 -3.02
CA ASP A 208 -10.31 -6.29 -2.51
C ASP A 208 -11.20 -6.58 -3.71
N GLY A 209 -11.56 -7.86 -3.88
CA GLY A 209 -12.38 -8.29 -4.99
C GLY A 209 -11.61 -8.10 -6.28
N ASN A 210 -12.15 -7.33 -7.21
CA ASN A 210 -11.50 -7.02 -8.47
C ASN A 210 -10.68 -5.75 -8.41
N ASN A 211 -10.52 -5.17 -7.24
CA ASN A 211 -9.71 -3.98 -7.02
C ASN A 211 -8.32 -4.38 -6.54
N HIS A 212 -7.31 -3.89 -7.26
CA HIS A 212 -5.90 -4.13 -6.92
C HIS A 212 -5.19 -2.82 -6.62
N GLU A 213 -4.53 -2.74 -5.47
CA GLU A 213 -3.71 -1.57 -5.13
C GLU A 213 -2.30 -1.78 -5.69
N ILE A 214 -1.77 -0.74 -6.32
N ILE A 214 -1.74 -0.68 -6.24
CA ILE A 214 -0.42 -0.74 -6.89
CA ILE A 214 -0.41 -0.63 -6.86
C ILE A 214 0.64 -0.40 -5.87
C ILE A 214 0.66 -0.42 -5.81
N SER A 215 1.78 -1.12 -5.99
CA SER A 215 3.09 -0.67 -5.50
C SER A 215 4.09 -0.60 -6.65
N VAL A 216 4.68 0.55 -6.85
CA VAL A 216 5.69 0.78 -7.89
C VAL A 216 6.98 1.28 -7.24
N GLU A 217 8.11 0.89 -7.85
CA GLU A 217 9.40 1.36 -7.42
C GLU A 217 10.45 1.12 -8.51
N THR A 218 11.38 2.07 -8.67
CA THR A 218 12.64 1.86 -9.41
C THR A 218 13.75 1.85 -8.37
N TYR A 219 14.29 0.66 -8.17
CA TYR A 219 15.19 0.36 -7.04
C TYR A 219 16.55 0.99 -7.21
N ASP A 220 17.03 1.07 -8.44
CA ASP A 220 18.37 1.60 -8.75
C ASP A 220 18.19 3.08 -8.97
N GLU A 221 18.58 3.86 -7.96
N GLU A 221 18.65 3.89 -8.03
CA GLU A 221 18.41 5.31 -8.01
CA GLU A 221 18.35 5.31 -8.12
C GLU A 221 18.91 5.87 -9.33
C GLU A 221 18.97 5.95 -9.35
N GLU A 222 20.02 5.34 -9.81
N GLU A 222 20.09 5.40 -9.83
CA GLU A 222 20.70 5.86 -10.97
CA GLU A 222 20.70 5.92 -11.05
C GLU A 222 19.94 5.57 -12.27
C GLU A 222 19.81 5.70 -12.27
N GLU A 223 18.90 4.73 -12.23
CA GLU A 223 18.07 4.38 -13.39
C GLU A 223 16.69 5.06 -13.37
N GLN A 224 16.47 5.94 -12.40
CA GLN A 224 15.23 6.68 -12.38
C GLN A 224 15.23 7.76 -13.47
N ASN A 225 14.03 8.22 -13.81
CA ASN A 225 13.84 9.27 -14.81
C ASN A 225 14.22 8.84 -16.20
N LYS A 226 14.06 7.55 -16.49
N LYS A 226 14.03 7.56 -16.48
CA LYS A 226 14.34 7.02 -17.81
CA LYS A 226 14.36 6.97 -17.76
C LYS A 226 13.13 6.36 -18.46
C LYS A 226 13.17 6.26 -18.40
N GLY A 227 11.98 6.36 -17.80
CA GLY A 227 10.80 5.70 -18.35
C GLY A 227 10.60 4.27 -17.90
N LEU A 228 11.42 3.78 -16.96
CA LEU A 228 11.34 2.37 -16.55
C LEU A 228 10.12 2.06 -15.69
N ALA A 229 9.87 2.84 -14.66
CA ALA A 229 8.64 2.59 -13.91
C ALA A 229 7.42 2.74 -14.79
N THR A 230 7.41 3.72 -15.66
CA THR A 230 6.30 3.90 -16.56
C THR A 230 6.02 2.64 -17.36
N LYS A 231 7.08 2.00 -17.86
N LYS A 231 7.08 2.02 -17.89
CA LYS A 231 6.83 0.82 -18.69
CA LYS A 231 6.89 0.82 -18.69
C LYS A 231 6.41 -0.37 -17.86
C LYS A 231 6.38 -0.33 -17.84
N ALA A 232 6.93 -0.52 -16.65
CA ALA A 232 6.41 -1.60 -15.78
C ALA A 232 4.95 -1.39 -15.48
N CYS A 233 4.59 -0.15 -15.17
CA CYS A 233 3.18 0.17 -14.91
C CYS A 233 2.32 -0.02 -16.14
N GLU A 234 2.80 0.41 -17.30
CA GLU A 234 2.03 0.25 -18.52
C GLU A 234 1.65 -1.20 -18.80
N VAL A 235 2.59 -2.12 -18.62
CA VAL A 235 2.31 -3.53 -18.83
C VAL A 235 1.35 -4.04 -17.77
N TYR A 236 1.56 -3.65 -16.52
CA TYR A 236 0.65 -3.97 -15.42
C TYR A 236 -0.79 -3.52 -15.71
N LEU A 237 -0.96 -2.27 -16.13
CA LEU A 237 -2.28 -1.69 -16.36
C LEU A 237 -2.93 -2.36 -17.54
N GLU A 238 -2.17 -2.65 -18.60
CA GLU A 238 -2.74 -3.45 -19.69
C GLU A 238 -3.24 -4.79 -19.21
N TYR A 239 -2.49 -5.48 -18.36
CA TYR A 239 -2.95 -6.74 -17.80
C TYR A 239 -4.26 -6.53 -17.04
N CYS A 240 -4.32 -5.48 -16.23
CA CYS A 240 -5.53 -5.20 -15.46
C CYS A 240 -6.72 -5.03 -16.36
N ILE A 241 -6.55 -4.20 -17.41
CA ILE A 241 -7.64 -3.97 -18.35
C ILE A 241 -8.09 -5.27 -19.00
N GLU A 242 -7.14 -6.11 -19.42
CA GLU A 242 -7.46 -7.35 -20.10
C GLU A 242 -8.18 -8.34 -19.20
N ASN A 243 -7.93 -8.26 -17.90
CA ASN A 243 -8.46 -9.22 -16.96
C ASN A 243 -9.51 -8.62 -16.01
N GLY A 244 -10.07 -7.45 -16.33
CA GLY A 244 -11.20 -6.96 -15.56
C GLY A 244 -10.84 -6.49 -14.17
N ILE A 245 -9.62 -6.05 -13.96
CA ILE A 245 -9.14 -5.59 -12.65
C ILE A 245 -9.18 -4.08 -12.66
N THR A 246 -9.67 -3.50 -11.58
CA THR A 246 -9.55 -2.06 -11.38
C THR A 246 -8.30 -1.76 -10.57
N PRO A 247 -7.32 -1.03 -11.13
CA PRO A 247 -6.13 -0.67 -10.37
C PRO A 247 -6.34 0.61 -9.59
N HIS A 248 -5.67 0.70 -8.45
CA HIS A 248 -5.70 1.88 -7.59
C HIS A 248 -4.32 2.35 -7.23
N TRP A 249 -4.15 3.66 -7.26
CA TRP A 249 -2.90 4.34 -6.93
C TRP A 249 -3.18 5.35 -5.84
N SER A 250 -2.52 5.22 -4.72
CA SER A 250 -2.67 6.16 -3.62
C SER A 250 -1.26 6.55 -3.20
N THR A 251 -1.01 7.83 -2.97
CA THR A 251 0.36 8.23 -2.66
C THR A 251 0.38 9.49 -1.83
N PHE A 252 1.44 9.67 -1.04
CA PHE A 252 1.57 10.90 -0.25
C PHE A 252 1.70 12.13 -1.15
N GLU A 253 1.05 13.21 -0.71
CA GLU A 253 1.09 14.46 -1.43
C GLU A 253 2.52 14.91 -1.64
N THR A 254 3.40 14.68 -0.63
CA THR A 254 4.77 15.11 -0.75
C THR A 254 5.57 14.24 -1.65
N ASN A 255 5.05 13.06 -2.08
CA ASN A 255 5.82 12.20 -2.98
C ASN A 255 5.50 12.62 -4.41
N VAL A 256 6.09 13.77 -4.84
CA VAL A 256 5.60 14.35 -6.10
C VAL A 256 6.03 13.51 -7.29
N GLU A 257 7.09 12.69 -7.16
CA GLU A 257 7.42 11.78 -8.28
C GLU A 257 6.27 10.81 -8.54
N SER A 258 5.69 10.32 -7.46
CA SER A 258 4.56 9.39 -7.55
C SER A 258 3.25 10.09 -7.92
N VAL A 259 3.03 11.30 -7.40
CA VAL A 259 1.83 12.04 -7.80
C VAL A 259 1.85 12.29 -9.30
N ASN A 260 3.00 12.73 -9.81
CA ASN A 260 3.11 13.03 -11.23
C ASN A 260 3.02 11.77 -12.08
N LEU A 261 3.64 10.66 -11.63
CA LEU A 261 3.55 9.41 -12.40
C LEU A 261 2.10 8.94 -12.47
N ALA A 262 1.37 9.04 -11.36
CA ALA A 262 -0.03 8.66 -11.38
C ALA A 262 -0.79 9.46 -12.46
N SER A 263 -0.57 10.77 -12.51
N SER A 263 -0.54 10.76 -12.54
CA SER A 263 -1.21 11.58 -13.55
CA SER A 263 -1.22 11.55 -13.55
C SER A 263 -0.84 11.06 -14.94
C SER A 263 -0.82 11.15 -14.96
N LYS A 264 0.45 10.81 -15.15
CA LYS A 264 0.91 10.36 -16.44
C LYS A 264 0.24 9.08 -16.90
N LEU A 265 -0.10 8.20 -15.96
CA LEU A 265 -0.69 6.89 -16.24
C LEU A 265 -2.21 6.94 -16.37
N GLY A 266 -2.86 8.11 -16.22
CA GLY A 266 -4.30 8.21 -16.33
C GLY A 266 -5.05 8.03 -15.04
N PHE A 267 -4.39 8.16 -13.89
CA PHE A 267 -5.08 8.21 -12.60
C PHE A 267 -5.49 9.66 -12.35
N GLU A 268 -6.75 9.86 -12.04
N GLU A 268 -6.75 9.87 -12.07
CA GLU A 268 -7.33 11.17 -11.82
CA GLU A 268 -7.27 11.22 -11.86
C GLU A 268 -7.59 11.38 -10.35
C GLU A 268 -7.64 11.42 -10.40
N TYR A 269 -7.20 12.54 -9.85
CA TYR A 269 -7.40 12.89 -8.45
C TYR A 269 -8.86 12.88 -8.07
N ARG A 270 -9.14 12.30 -6.91
CA ARG A 270 -10.51 12.26 -6.35
C ARG A 270 -10.63 12.89 -4.97
N PHE A 271 -9.74 12.58 -4.02
CA PHE A 271 -9.83 13.09 -2.64
C PHE A 271 -8.48 12.84 -1.96
N LYS A 272 -8.29 13.48 -0.81
CA LYS A 272 -7.13 13.29 0.02
C LYS A 272 -7.55 13.07 1.46
N LEU A 273 -6.72 12.30 2.16
CA LEU A 273 -6.89 11.95 3.55
C LEU A 273 -5.68 12.41 4.36
N LYS A 274 -5.94 12.93 5.54
CA LYS A 274 -4.86 13.35 6.43
C LYS A 274 -4.05 12.16 6.91
N THR A 275 -2.74 12.34 6.92
CA THR A 275 -1.80 11.32 7.41
C THR A 275 -0.86 11.90 8.47
N TYR A 276 -0.30 10.98 9.27
CA TYR A 276 0.68 11.30 10.32
C TYR A 276 1.72 10.20 10.27
N GLU A 277 3.00 10.57 10.36
N GLU A 277 2.98 10.58 10.42
CA GLU A 277 4.08 9.59 10.31
CA GLU A 277 4.10 9.67 10.32
C GLU A 277 5.19 10.00 11.25
C GLU A 277 5.12 10.03 11.38
N PHE A 278 5.73 9.02 11.98
CA PHE A 278 6.92 9.21 12.77
C PHE A 278 7.80 7.96 12.73
N GLU A 279 9.06 8.14 13.13
CA GLU A 279 10.02 7.05 13.22
C GLU A 279 10.11 6.64 14.68
N TYR A 280 9.98 5.34 14.95
CA TYR A 280 10.05 4.86 16.33
C TYR A 280 11.43 5.16 16.91
#